data_1NDV
#
_entry.id   1NDV
#
_cell.length_a   78.030
_cell.length_b   78.030
_cell.length_c   136.660
_cell.angle_alpha   90.00
_cell.angle_beta   90.00
_cell.angle_gamma   90.00
#
_symmetry.space_group_name_H-M   'P 43 21 2'
#
loop_
_entity.id
_entity.type
_entity.pdbx_description
1 polymer 'Adenosine deaminase'
2 non-polymer 'ZINC ION'
3 non-polymer "N''-(4-(5-((1H-BENZIMIDAZOL-2-YLAMINO)METHYL)-2-THIENYL)-1,3-THIAZOL-2-YL)GUANIDINE"
4 water water
#
_entity_poly.entity_id   1
_entity_poly.type   'polypeptide(L)'
_entity_poly.pdbx_seq_one_letter_code
;AQTPAFDKPKVELHVHLDGAIKPETILYYGKRRGIALPADTPEELQNIIGMDKPLTLPDFLAKFDYYMPAIAGCRDAIKR
IAYEFVEMKAKDGVVYVEVRYSPHLLANSKVEPIPWNQAEGDLTPDEVVSLVNQGLQEGERDFGVKVRSILCCMRHQPSW
SSEVVELCKKYREQTVVAIDLAGDETIEGSSLFPGHVQAYAEAVKSGVHRTVHAGEVGSANVVKEAVDTLKTERLGHGYH
TLEDTTLYNRLRQENMHFEICPWSSYLTGAWKPDTEHAVIRFKNDQVNYSLNTDDPLIFKSTLDTDYQMTKKDMGFTEEE
FKRLNINAAKSSFLPEDEKKELLDLLYKAYRMPSPA
;
_entity_poly.pdbx_strand_id   A
#
# COMPACT_ATOMS: atom_id res chain seq x y z
N THR A 3 -2.42 26.02 -5.06
CA THR A 3 -1.33 25.69 -4.11
C THR A 3 -1.03 24.20 -4.10
N PRO A 4 -2.06 23.42 -3.72
CA PRO A 4 -1.77 22.00 -3.97
C PRO A 4 -1.57 21.62 -5.46
N ALA A 5 -0.52 20.80 -5.74
CA ALA A 5 -0.19 20.53 -7.14
C ALA A 5 -1.32 20.26 -8.18
N PHE A 6 -2.31 19.47 -7.76
CA PHE A 6 -3.42 19.17 -8.64
C PHE A 6 -4.72 19.00 -7.83
N ASP A 7 -5.46 20.11 -7.78
CA ASP A 7 -6.61 20.24 -6.88
C ASP A 7 -7.80 19.27 -7.03
N LYS A 8 -7.97 18.69 -8.24
CA LYS A 8 -9.01 17.67 -8.59
C LYS A 8 -9.08 16.34 -7.89
N PRO A 9 -10.12 15.61 -8.15
CA PRO A 9 -10.08 14.29 -7.43
C PRO A 9 -9.10 13.32 -8.02
N LYS A 10 -8.93 12.38 -7.04
CA LYS A 10 -7.92 11.38 -7.15
C LYS A 10 -8.31 10.02 -6.67
N VAL A 11 -7.58 8.98 -7.35
CA VAL A 11 -7.48 7.54 -7.07
C VAL A 11 -6.08 7.21 -6.44
N GLU A 12 -6.09 6.37 -5.42
CA GLU A 12 -4.87 5.87 -4.92
C GLU A 12 -5.05 4.37 -4.62
N LEU A 13 -3.97 3.60 -4.99
CA LEU A 13 -4.08 2.13 -5.04
C LEU A 13 -3.05 1.41 -4.21
N HIS A 14 -1.95 2.14 -3.86
CA HIS A 14 -0.85 1.64 -3.03
C HIS A 14 -0.55 2.54 -1.70
N VAL A 15 -1.11 2.13 -0.63
CA VAL A 15 -0.82 2.73 0.61
C VAL A 15 -1.18 1.73 1.70
N HIS A 16 -0.22 1.69 2.67
CA HIS A 16 -0.32 0.69 3.76
C HIS A 16 -1.01 1.28 5.07
N LEU A 17 -2.12 0.61 5.54
CA LEU A 17 -2.64 1.02 6.80
C LEU A 17 -1.61 1.48 7.90
N ASP A 18 -0.55 0.61 8.04
CA ASP A 18 0.33 0.65 9.21
C ASP A 18 1.48 1.44 8.97
N GLY A 19 1.52 2.14 7.89
CA GLY A 19 2.24 3.45 7.94
C GLY A 19 1.38 4.69 7.60
N ALA A 20 0.14 4.59 7.97
CA ALA A 20 -0.72 5.76 7.67
C ALA A 20 -1.76 5.86 8.85
N ILE A 21 -1.06 5.98 10.04
CA ILE A 21 -1.70 6.11 11.40
C ILE A 21 -1.36 7.54 11.93
N LYS A 22 -2.18 8.23 12.67
CA LYS A 22 -1.65 9.56 13.16
C LYS A 22 -0.73 9.57 14.38
N PRO A 23 0.25 10.46 14.42
CA PRO A 23 0.93 10.76 15.68
C PRO A 23 0.15 10.82 16.94
N GLU A 24 -0.55 11.86 17.23
CA GLU A 24 -1.69 11.72 18.13
C GLU A 24 -2.28 10.27 18.53
N THR A 25 -2.64 9.42 17.56
CA THR A 25 -3.21 8.18 18.19
C THR A 25 -2.37 7.02 18.40
N ILE A 26 -1.19 7.35 17.93
CA ILE A 26 0.03 6.77 18.48
C ILE A 26 0.34 7.02 19.99
N LEU A 27 0.45 8.28 20.44
CA LEU A 27 0.19 8.30 21.88
C LEU A 27 -1.13 7.84 22.51
N TYR A 28 -2.26 8.20 21.94
CA TYR A 28 -3.42 7.83 22.77
C TYR A 28 -3.47 6.37 23.11
N TYR A 29 -3.16 5.53 22.11
CA TYR A 29 -2.96 4.10 22.42
C TYR A 29 -1.64 3.75 23.10
N GLY A 30 -0.57 4.41 22.61
CA GLY A 30 0.76 4.37 23.26
C GLY A 30 0.87 4.57 24.78
N LYS A 31 0.65 5.88 25.08
CA LYS A 31 0.30 6.29 26.42
C LYS A 31 -0.90 5.59 27.13
N ARG A 32 -2.04 5.34 26.54
CA ARG A 32 -2.94 4.47 27.34
C ARG A 32 -2.39 3.15 27.76
N ARG A 33 -1.69 2.65 26.76
CA ARG A 33 -1.27 1.27 26.93
C ARG A 33 0.05 1.02 27.52
N GLY A 34 0.66 2.13 27.87
CA GLY A 34 2.04 2.22 28.34
C GLY A 34 3.20 1.76 27.46
N ILE A 35 2.93 1.48 26.25
CA ILE A 35 3.91 0.60 25.64
C ILE A 35 5.52 0.68 25.66
N ALA A 36 6.23 1.85 25.84
CA ALA A 36 6.01 3.28 25.60
C ALA A 36 7.11 3.97 24.78
N LEU A 37 6.69 5.07 24.18
CA LEU A 37 7.47 5.50 23.03
C LEU A 37 8.74 6.26 23.24
N PRO A 38 9.44 6.60 22.13
CA PRO A 38 10.35 7.78 22.20
C PRO A 38 9.76 9.19 22.53
N ALA A 39 8.62 9.25 23.26
CA ALA A 39 7.89 10.54 23.37
C ALA A 39 6.50 10.51 24.01
N ASP A 40 6.04 11.79 24.14
CA ASP A 40 4.75 12.18 24.71
C ASP A 40 4.05 13.43 24.23
N THR A 41 4.86 14.21 23.49
CA THR A 41 4.06 14.98 22.50
C THR A 41 3.58 14.19 21.25
N PRO A 42 2.29 14.37 20.95
CA PRO A 42 1.74 14.16 19.60
C PRO A 42 2.39 15.03 18.49
N GLU A 43 3.63 15.50 18.67
CA GLU A 43 4.26 16.28 17.63
C GLU A 43 5.65 15.88 17.45
N GLU A 44 6.07 14.83 18.15
CA GLU A 44 7.53 14.49 17.95
C GLU A 44 8.00 12.99 17.88
N LEU A 45 7.02 12.10 18.25
CA LEU A 45 7.01 10.95 17.31
C LEU A 45 7.29 11.30 15.81
N GLN A 46 6.41 12.15 15.25
CA GLN A 46 6.55 12.49 13.83
C GLN A 46 7.98 12.71 13.29
N ASN A 47 8.77 13.38 14.13
CA ASN A 47 10.02 13.80 13.54
C ASN A 47 11.11 12.75 13.76
N ILE A 48 10.89 11.91 14.80
CA ILE A 48 11.75 10.71 14.90
C ILE A 48 11.45 9.50 13.95
N ILE A 49 10.15 9.08 13.97
CA ILE A 49 9.64 8.03 13.02
C ILE A 49 9.13 8.57 11.77
N GLY A 50 9.70 9.69 11.45
CA GLY A 50 9.54 10.12 10.13
C GLY A 50 10.88 10.54 9.64
N MET A 51 11.10 10.15 8.44
CA MET A 51 12.41 10.46 7.98
C MET A 51 12.35 11.63 7.05
N ASP A 52 13.54 12.15 6.85
CA ASP A 52 13.80 13.34 6.04
C ASP A 52 14.63 13.14 4.73
N LYS A 53 15.31 11.90 4.72
CA LYS A 53 16.46 11.41 3.94
C LYS A 53 16.62 9.85 3.99
N PRO A 54 17.22 9.29 2.91
CA PRO A 54 17.49 7.86 2.78
C PRO A 54 18.29 7.08 3.85
N LEU A 55 17.65 6.76 4.96
CA LEU A 55 17.98 5.53 5.73
C LEU A 55 18.24 4.11 5.07
N THR A 56 18.71 3.21 5.94
CA THR A 56 18.69 1.84 5.49
C THR A 56 17.55 0.96 5.98
N LEU A 57 17.47 -0.21 5.36
CA LEU A 57 16.52 -1.29 5.72
C LEU A 57 16.26 -1.67 7.14
N PRO A 58 17.34 -2.00 7.85
CA PRO A 58 17.15 -1.97 9.33
C PRO A 58 16.77 -0.62 10.07
N ASP A 59 17.31 0.53 9.70
CA ASP A 59 16.77 1.79 10.25
C ASP A 59 15.22 2.00 10.15
N PHE A 60 14.88 1.70 8.86
CA PHE A 60 13.49 1.60 8.40
C PHE A 60 12.66 0.61 9.15
N LEU A 61 13.00 -0.70 9.27
CA LEU A 61 12.07 -1.61 10.03
C LEU A 61 11.90 -1.42 11.50
N ALA A 62 12.98 -0.87 12.07
CA ALA A 62 12.98 -0.46 13.48
C ALA A 62 11.99 0.66 13.82
N LYS A 63 11.86 1.54 12.79
CA LYS A 63 10.72 2.43 12.99
C LYS A 63 9.40 1.77 13.32
N PHE A 64 9.13 0.65 12.65
CA PHE A 64 7.87 -0.01 13.00
C PHE A 64 7.76 -0.38 14.49
N ASP A 65 8.96 -0.74 15.07
CA ASP A 65 9.07 -1.16 16.49
C ASP A 65 8.60 -0.15 17.59
N TYR A 66 8.93 1.09 17.45
CA TYR A 66 8.28 1.96 18.42
C TYR A 66 6.75 1.91 18.44
N TYR A 67 6.09 2.37 17.36
CA TYR A 67 4.64 2.44 17.46
C TYR A 67 3.80 1.29 17.24
N MET A 68 4.21 0.35 16.38
CA MET A 68 3.30 -0.77 16.11
C MET A 68 2.70 -1.40 17.37
N PRO A 69 3.58 -1.73 18.34
CA PRO A 69 3.13 -2.27 19.64
C PRO A 69 2.15 -1.46 20.47
N ALA A 70 2.04 -0.15 20.10
CA ALA A 70 0.91 0.63 20.70
C ALA A 70 -0.54 0.38 20.20
N ILE A 71 -0.64 0.22 18.83
CA ILE A 71 -1.95 -0.27 18.29
C ILE A 71 -2.15 -1.75 18.05
N ALA A 72 -1.08 -2.52 17.72
CA ALA A 72 -1.51 -3.94 17.58
C ALA A 72 -1.74 -4.75 18.84
N GLY A 73 -2.62 -5.68 18.76
CA GLY A 73 -2.96 -6.16 20.09
C GLY A 73 -4.17 -5.51 20.67
N CYS A 74 -4.34 -4.24 20.40
CA CYS A 74 -5.58 -3.67 21.00
C CYS A 74 -6.74 -3.45 20.06
N ARG A 75 -7.69 -4.38 20.10
CA ARG A 75 -8.91 -4.22 19.26
C ARG A 75 -9.38 -2.79 18.92
N ASP A 76 -9.51 -1.97 19.98
CA ASP A 76 -9.95 -0.56 19.89
C ASP A 76 -9.15 0.26 18.91
N ALA A 77 -7.87 0.03 19.00
CA ALA A 77 -6.99 0.67 18.04
C ALA A 77 -6.96 0.02 16.64
N ILE A 78 -7.30 -1.27 16.51
CA ILE A 78 -7.31 -1.66 15.10
C ILE A 78 -8.43 -0.88 14.30
N LYS A 79 -9.65 -0.87 14.93
CA LYS A 79 -10.76 0.00 14.36
C LYS A 79 -10.57 1.52 14.36
N ARG A 80 -9.98 1.92 15.43
CA ARG A 80 -9.55 3.30 15.25
C ARG A 80 -8.71 3.70 14.03
N ILE A 81 -7.59 2.98 13.87
CA ILE A 81 -6.80 3.34 12.69
C ILE A 81 -7.47 3.09 11.39
N ALA A 82 -8.22 2.06 11.25
CA ALA A 82 -9.18 2.05 10.10
C ALA A 82 -10.02 3.41 9.73
N TYR A 83 -10.93 3.76 10.66
CA TYR A 83 -11.70 5.03 10.52
C TYR A 83 -10.85 6.28 10.34
N GLU A 84 -9.88 6.43 11.17
CA GLU A 84 -9.06 7.61 10.89
C GLU A 84 -8.39 7.70 9.50
N PHE A 85 -7.87 6.54 8.93
CA PHE A 85 -7.31 6.41 7.50
C PHE A 85 -8.25 7.05 6.40
N VAL A 86 -9.57 6.70 6.47
CA VAL A 86 -10.56 7.24 5.48
C VAL A 86 -10.66 8.80 5.42
N GLU A 87 -10.94 9.18 6.67
CA GLU A 87 -10.67 10.56 6.97
C GLU A 87 -9.34 11.19 6.45
N MET A 88 -8.08 10.72 6.72
CA MET A 88 -7.04 11.37 5.78
C MET A 88 -7.18 11.45 4.20
N LYS A 89 -7.74 10.26 3.71
CA LYS A 89 -7.88 10.28 2.22
C LYS A 89 -8.76 11.37 1.68
N ALA A 90 -9.87 11.63 2.45
CA ALA A 90 -10.77 12.82 2.06
C ALA A 90 -10.18 14.18 2.19
N LYS A 91 -9.49 14.34 3.26
CA LYS A 91 -8.64 15.51 3.12
C LYS A 91 -7.65 15.49 2.05
N ASP A 92 -7.26 14.30 1.53
CA ASP A 92 -6.41 14.45 0.33
C ASP A 92 -7.18 14.60 -0.97
N GLY A 93 -8.52 14.57 -0.84
CA GLY A 93 -9.14 14.77 -2.16
C GLY A 93 -9.18 13.46 -3.05
N VAL A 94 -9.25 12.33 -2.39
CA VAL A 94 -9.40 11.05 -2.99
C VAL A 94 -10.85 10.45 -3.00
N VAL A 95 -11.35 10.25 -4.21
CA VAL A 95 -12.65 9.56 -4.31
C VAL A 95 -12.69 8.02 -4.17
N TYR A 96 -11.48 7.44 -4.37
CA TYR A 96 -11.28 5.94 -4.22
C TYR A 96 -9.83 5.54 -3.87
N VAL A 97 -9.82 4.81 -2.91
CA VAL A 97 -8.58 4.33 -2.43
C VAL A 97 -8.73 2.82 -2.23
N GLU A 98 -7.61 2.14 -2.59
CA GLU A 98 -7.51 0.71 -2.16
C GLU A 98 -6.51 0.72 -1.10
N VAL A 99 -6.77 0.11 0.05
CA VAL A 99 -5.81 0.36 1.11
C VAL A 99 -5.33 -0.99 1.63
N ARG A 100 -4.14 -1.15 2.09
CA ARG A 100 -3.58 -2.51 2.35
C ARG A 100 -2.86 -2.80 3.68
N TYR A 101 -2.91 -4.12 3.99
CA TYR A 101 -2.16 -4.40 5.24
C TYR A 101 -1.98 -5.84 5.55
N SER A 102 -1.07 -6.24 6.37
CA SER A 102 -1.11 -7.66 6.78
C SER A 102 -1.99 -7.99 8.04
N PRO A 103 -3.07 -8.76 7.99
CA PRO A 103 -3.65 -9.15 9.31
C PRO A 103 -2.68 -9.68 10.51
N HIS A 104 -1.82 -10.60 10.07
CA HIS A 104 -0.80 -10.96 11.04
C HIS A 104 -0.16 -9.87 11.74
N LEU A 105 0.20 -8.82 11.11
CA LEU A 105 0.95 -7.86 11.88
C LEU A 105 0.11 -7.04 12.89
N LEU A 106 -1.21 -7.20 12.78
CA LEU A 106 -1.97 -6.61 13.82
C LEU A 106 -2.24 -7.68 14.87
N ALA A 107 -2.01 -8.96 14.45
CA ALA A 107 -2.55 -9.80 15.49
C ALA A 107 -1.72 -10.00 16.80
N ASN A 108 -2.47 -10.50 17.76
CA ASN A 108 -1.83 -10.73 19.03
C ASN A 108 -2.10 -12.09 19.51
N SER A 109 -3.03 -12.72 18.83
CA SER A 109 -3.21 -14.14 19.12
C SER A 109 -3.10 -15.04 17.92
N LYS A 110 -3.20 -16.39 17.94
CA LYS A 110 -3.27 -17.03 16.59
C LYS A 110 -2.29 -16.73 15.37
N VAL A 111 -0.98 -16.53 15.70
CA VAL A 111 0.07 -16.17 14.71
C VAL A 111 1.52 -16.40 15.07
N GLU A 112 2.07 -17.48 14.49
CA GLU A 112 3.55 -17.69 14.69
C GLU A 112 4.47 -17.24 13.57
N PRO A 113 5.50 -16.50 13.93
CA PRO A 113 5.78 -15.92 15.26
C PRO A 113 4.97 -14.68 15.59
N ILE A 114 4.96 -14.33 16.88
CA ILE A 114 4.34 -13.06 17.41
C ILE A 114 5.22 -11.80 17.26
N PRO A 115 4.88 -10.87 16.33
CA PRO A 115 5.55 -9.55 16.11
C PRO A 115 5.72 -8.51 17.25
N TRP A 116 6.66 -7.58 17.01
CA TRP A 116 6.78 -6.34 17.84
C TRP A 116 7.07 -6.52 19.29
N ASN A 117 7.62 -7.72 19.42
CA ASN A 117 7.97 -8.44 20.66
C ASN A 117 6.86 -8.86 21.66
N GLN A 118 5.59 -8.51 21.36
CA GLN A 118 4.43 -8.57 22.29
C GLN A 118 4.06 -9.86 22.97
N ALA A 119 3.29 -9.75 24.05
CA ALA A 119 2.87 -11.10 24.48
C ALA A 119 1.55 -11.69 23.97
N GLU A 120 1.07 -12.81 24.57
CA GLU A 120 -0.20 -13.41 24.12
C GLU A 120 -1.49 -12.63 24.01
N GLY A 121 -2.55 -13.41 23.89
CA GLY A 121 -3.76 -12.66 23.59
C GLY A 121 -4.98 -13.48 23.16
N ASP A 122 -6.01 -12.70 23.11
CA ASP A 122 -7.14 -13.02 22.25
C ASP A 122 -7.33 -12.14 20.94
N LEU A 123 -6.43 -11.14 20.57
CA LEU A 123 -6.53 -10.47 19.25
C LEU A 123 -5.99 -11.29 18.09
N THR A 124 -6.86 -12.17 17.76
CA THR A 124 -6.85 -12.79 16.45
C THR A 124 -6.54 -11.98 15.14
N PRO A 125 -5.97 -12.71 14.10
CA PRO A 125 -5.86 -12.26 12.68
C PRO A 125 -7.19 -12.00 11.94
N ASP A 126 -8.02 -12.94 12.21
CA ASP A 126 -9.34 -12.81 11.71
C ASP A 126 -10.16 -11.73 12.41
N GLU A 127 -9.87 -11.54 13.72
CA GLU A 127 -10.61 -10.39 14.22
C GLU A 127 -10.11 -9.09 13.58
N VAL A 128 -8.79 -8.86 13.59
CA VAL A 128 -8.17 -7.79 12.80
C VAL A 128 -8.80 -7.46 11.48
N VAL A 129 -9.07 -8.50 10.64
CA VAL A 129 -9.75 -8.21 9.34
C VAL A 129 -11.20 -7.69 9.51
N SER A 130 -11.92 -8.38 10.42
CA SER A 130 -13.24 -7.95 10.88
C SER A 130 -13.37 -6.45 11.35
N LEU A 131 -12.49 -6.13 12.33
CA LEU A 131 -12.29 -4.80 12.79
C LEU A 131 -11.88 -3.83 11.74
N VAL A 132 -10.88 -4.25 10.87
CA VAL A 132 -10.58 -3.27 9.79
C VAL A 132 -11.71 -2.98 8.87
N ASN A 133 -12.47 -4.02 8.58
CA ASN A 133 -13.54 -3.82 7.56
C ASN A 133 -14.50 -2.65 8.05
N GLN A 134 -15.22 -2.93 9.19
CA GLN A 134 -15.80 -1.89 10.08
C GLN A 134 -15.53 -0.38 9.88
N GLY A 135 -14.32 -0.07 10.31
CA GLY A 135 -13.86 1.31 10.33
C GLY A 135 -13.59 1.89 8.94
N LEU A 136 -13.19 0.93 8.10
CA LEU A 136 -13.28 1.29 6.70
C LEU A 136 -14.69 1.71 6.16
N GLN A 137 -15.67 0.94 6.58
CA GLN A 137 -17.03 1.10 6.07
C GLN A 137 -17.86 2.38 6.55
N GLU A 138 -17.57 2.64 7.84
CA GLU A 138 -18.01 3.83 8.57
C GLU A 138 -17.30 5.06 8.02
N GLY A 139 -16.01 4.81 7.66
CA GLY A 139 -15.42 5.79 6.79
C GLY A 139 -16.00 5.95 5.41
N GLU A 140 -16.35 4.85 4.63
CA GLU A 140 -17.00 5.30 3.40
C GLU A 140 -18.23 6.15 3.72
N ARG A 141 -19.04 5.68 4.71
CA ARG A 141 -20.29 6.42 4.97
C ARG A 141 -20.31 7.81 5.55
N ASP A 142 -19.29 8.08 6.42
CA ASP A 142 -18.98 9.38 6.98
C ASP A 142 -18.17 10.37 6.17
N PHE A 143 -17.13 9.88 5.53
CA PHE A 143 -16.33 10.90 4.88
C PHE A 143 -16.55 10.96 3.44
N GLY A 144 -17.37 10.03 2.93
CA GLY A 144 -17.64 9.98 1.48
C GLY A 144 -16.52 9.69 0.44
N VAL A 145 -15.57 8.84 0.87
CA VAL A 145 -14.52 8.17 -0.02
C VAL A 145 -14.93 6.79 -0.37
N LYS A 146 -14.93 6.32 -1.57
CA LYS A 146 -15.22 4.82 -1.47
C LYS A 146 -13.95 3.97 -1.10
N VAL A 147 -14.05 2.94 -0.36
CA VAL A 147 -12.83 2.29 0.14
C VAL A 147 -12.80 0.73 0.03
N ARG A 148 -11.75 0.20 -0.68
CA ARG A 148 -11.55 -1.24 -0.39
C ARG A 148 -10.20 -1.59 0.16
N SER A 149 -10.21 -2.76 0.67
CA SER A 149 -8.95 -3.18 1.21
C SER A 149 -8.16 -4.32 0.35
N ILE A 150 -6.86 -4.47 0.66
CA ILE A 150 -6.07 -5.62 0.22
C ILE A 150 -5.34 -6.34 1.41
N LEU A 151 -5.44 -7.63 1.49
CA LEU A 151 -4.62 -8.16 2.55
C LEU A 151 -3.19 -8.63 2.18
N CYS A 152 -2.26 -8.60 3.07
CA CYS A 152 -0.90 -8.58 2.52
C CYS A 152 -0.09 -9.86 2.99
N CYS A 153 0.19 -10.90 2.09
CA CYS A 153 1.27 -11.83 2.46
C CYS A 153 2.62 -11.16 2.82
N MET A 154 3.33 -11.59 3.89
CA MET A 154 4.77 -11.21 4.16
C MET A 154 5.85 -12.20 3.49
N ARG A 155 6.73 -11.69 2.68
CA ARG A 155 7.63 -12.64 2.02
C ARG A 155 8.40 -13.74 2.89
N HIS A 156 8.76 -13.27 4.09
CA HIS A 156 9.58 -14.08 4.89
C HIS A 156 8.80 -15.08 5.63
N GLN A 157 7.50 -14.87 5.43
CA GLN A 157 6.58 -15.71 6.14
C GLN A 157 5.46 -16.42 5.39
N PRO A 158 5.93 -17.33 4.41
CA PRO A 158 5.05 -18.11 3.52
C PRO A 158 4.10 -18.96 4.33
N SER A 159 4.38 -19.12 5.68
CA SER A 159 3.33 -19.83 6.49
C SER A 159 1.97 -19.11 6.64
N TRP A 160 2.09 -17.80 6.53
CA TRP A 160 0.82 -17.11 6.68
C TRP A 160 -0.12 -17.24 5.40
N SER A 161 0.52 -17.50 4.24
CA SER A 161 -0.10 -16.99 3.02
C SER A 161 -1.42 -17.57 2.69
N SER A 162 -1.50 -18.84 3.06
CA SER A 162 -2.80 -19.42 2.83
C SER A 162 -3.96 -18.98 3.81
N GLU A 163 -3.56 -18.63 5.01
CA GLU A 163 -4.64 -18.05 5.81
C GLU A 163 -5.09 -16.67 5.23
N VAL A 164 -4.09 -15.93 4.67
CA VAL A 164 -4.35 -14.86 3.71
C VAL A 164 -5.32 -15.01 2.55
N VAL A 165 -5.06 -15.96 1.63
CA VAL A 165 -6.01 -15.99 0.49
C VAL A 165 -7.42 -16.34 1.02
N GLU A 166 -7.42 -17.11 2.09
CA GLU A 166 -8.69 -17.50 2.65
C GLU A 166 -9.47 -16.35 3.38
N LEU A 167 -8.82 -15.61 4.31
CA LEU A 167 -9.35 -14.32 4.65
C LEU A 167 -9.87 -13.49 3.44
N CYS A 168 -9.11 -13.47 2.27
CA CYS A 168 -9.55 -12.76 1.11
C CYS A 168 -10.74 -13.40 0.44
N LYS A 169 -10.94 -14.67 0.72
CA LYS A 169 -12.26 -15.08 0.21
C LYS A 169 -13.45 -15.07 1.19
N LYS A 170 -13.12 -15.17 2.45
CA LYS A 170 -14.04 -14.87 3.53
C LYS A 170 -14.65 -13.48 3.46
N TYR A 171 -13.84 -12.45 3.50
CA TYR A 171 -14.31 -11.04 3.47
C TYR A 171 -14.50 -10.37 2.17
N ARG A 172 -14.86 -11.26 1.21
CA ARG A 172 -14.95 -10.78 -0.20
C ARG A 172 -16.02 -9.74 -0.60
N GLU A 173 -15.51 -8.66 -1.20
CA GLU A 173 -16.32 -7.41 -1.29
C GLU A 173 -16.64 -6.56 0.05
N GLN A 174 -16.87 -7.27 1.19
CA GLN A 174 -16.96 -6.65 2.54
C GLN A 174 -15.67 -6.61 3.39
N THR A 175 -14.61 -6.03 2.96
CA THR A 175 -14.35 -5.18 1.80
C THR A 175 -13.03 -5.51 1.07
N VAL A 176 -12.71 -6.77 0.92
CA VAL A 176 -11.39 -6.97 0.35
C VAL A 176 -11.42 -7.48 -1.00
N VAL A 177 -10.67 -6.74 -1.75
CA VAL A 177 -10.77 -6.96 -3.14
C VAL A 177 -9.66 -7.84 -3.71
N ALA A 178 -8.46 -7.93 -3.08
CA ALA A 178 -7.15 -8.42 -3.63
C ALA A 178 -6.29 -9.08 -2.54
N ILE A 179 -5.27 -9.90 -3.04
CA ILE A 179 -4.10 -10.34 -2.20
C ILE A 179 -2.84 -9.49 -2.56
N ASP A 180 -2.02 -9.15 -1.58
CA ASP A 180 -0.76 -8.62 -1.85
C ASP A 180 0.38 -9.54 -1.39
N LEU A 181 1.54 -9.18 -1.88
CA LEU A 181 2.77 -9.70 -1.36
C LEU A 181 3.80 -8.61 -0.98
N ALA A 182 4.03 -8.66 0.29
CA ALA A 182 5.08 -7.71 0.63
C ALA A 182 6.13 -8.00 1.65
N GLY A 183 7.01 -7.05 1.74
CA GLY A 183 7.96 -7.18 2.80
C GLY A 183 9.21 -7.07 2.08
N ASP A 184 10.16 -7.86 2.39
CA ASP A 184 11.47 -7.55 1.81
C ASP A 184 11.80 -8.44 0.62
N GLU A 185 11.71 -7.88 -0.55
CA GLU A 185 12.08 -8.49 -1.82
C GLU A 185 13.55 -8.88 -1.95
N THR A 186 14.38 -8.53 -0.91
CA THR A 186 15.69 -9.08 -0.94
C THR A 186 15.64 -10.61 -0.75
N ILE A 187 14.80 -11.07 0.18
CA ILE A 187 15.02 -12.50 0.37
C ILE A 187 15.09 -13.51 -0.78
N GLU A 188 16.30 -14.03 -1.10
CA GLU A 188 16.46 -14.86 -2.31
C GLU A 188 15.36 -15.90 -2.49
N GLY A 189 15.00 -15.93 -3.78
CA GLY A 189 13.80 -16.70 -4.19
C GLY A 189 12.41 -16.64 -3.38
N SER A 190 12.34 -15.60 -2.45
CA SER A 190 11.02 -15.34 -1.85
C SER A 190 9.76 -15.43 -2.76
N SER A 191 9.79 -14.94 -3.96
CA SER A 191 8.59 -15.10 -4.75
C SER A 191 7.99 -16.45 -5.02
N LEU A 192 8.95 -17.32 -4.80
CA LEU A 192 8.88 -18.65 -5.33
C LEU A 192 8.80 -19.60 -4.25
N PHE A 193 8.84 -19.17 -2.99
CA PHE A 193 8.33 -20.08 -1.87
C PHE A 193 6.94 -20.70 -2.02
N PRO A 194 6.89 -22.09 -1.71
CA PRO A 194 5.60 -22.81 -2.05
C PRO A 194 4.28 -22.27 -1.44
N GLY A 195 4.42 -21.82 -0.21
CA GLY A 195 3.30 -21.04 0.40
C GLY A 195 2.85 -19.78 -0.37
N HIS A 196 3.91 -18.93 -0.80
CA HIS A 196 3.55 -17.86 -1.75
C HIS A 196 2.88 -18.34 -3.06
N VAL A 197 3.51 -19.34 -3.73
CA VAL A 197 2.93 -19.82 -5.01
C VAL A 197 1.53 -20.45 -4.94
N GLN A 198 1.30 -21.25 -3.91
CA GLN A 198 0.03 -21.84 -3.78
C GLN A 198 -1.09 -20.89 -3.39
N ALA A 199 -0.73 -19.93 -2.46
CA ALA A 199 -1.64 -18.81 -2.15
C ALA A 199 -2.06 -18.06 -3.40
N TYR A 200 -1.06 -17.63 -4.20
CA TYR A 200 -1.52 -17.04 -5.45
C TYR A 200 -2.30 -17.93 -6.52
N ALA A 201 -1.99 -19.21 -6.44
CA ALA A 201 -2.74 -20.13 -7.32
C ALA A 201 -4.24 -20.28 -6.93
N GLU A 202 -4.34 -20.33 -5.58
CA GLU A 202 -5.68 -20.33 -5.01
C GLU A 202 -6.51 -19.03 -5.30
N ALA A 203 -5.77 -17.92 -5.20
CA ALA A 203 -6.29 -16.70 -5.67
C ALA A 203 -6.90 -16.66 -7.06
N VAL A 204 -6.07 -17.20 -8.01
CA VAL A 204 -6.54 -17.43 -9.40
C VAL A 204 -7.79 -18.40 -9.53
N LYS A 205 -7.73 -19.46 -8.74
CA LYS A 205 -8.77 -20.41 -8.80
C LYS A 205 -10.14 -19.77 -8.47
N SER A 206 -10.12 -18.95 -7.37
CA SER A 206 -11.39 -18.48 -6.79
C SER A 206 -11.70 -17.01 -7.02
N GLY A 207 -10.98 -16.59 -8.05
CA GLY A 207 -11.04 -15.17 -8.46
C GLY A 207 -10.81 -13.94 -7.46
N VAL A 208 -9.92 -14.06 -6.44
CA VAL A 208 -9.24 -12.86 -6.06
C VAL A 208 -8.22 -12.18 -6.84
N HIS A 209 -8.39 -10.88 -6.94
CA HIS A 209 -7.33 -10.17 -7.59
C HIS A 209 -5.96 -10.15 -6.97
N ARG A 210 -5.06 -9.62 -7.76
CA ARG A 210 -3.69 -9.84 -7.40
C ARG A 210 -2.67 -8.73 -7.70
N THR A 211 -1.93 -8.48 -6.64
CA THR A 211 -0.92 -7.44 -6.74
C THR A 211 0.34 -7.89 -6.06
N VAL A 212 1.47 -7.32 -6.55
CA VAL A 212 2.70 -7.78 -5.97
C VAL A 212 3.79 -6.74 -5.73
N HIS A 213 4.41 -6.70 -4.60
CA HIS A 213 5.42 -5.70 -4.56
C HIS A 213 6.71 -6.29 -5.22
N ALA A 214 7.28 -5.55 -6.15
CA ALA A 214 8.36 -5.97 -6.94
C ALA A 214 8.96 -4.99 -7.83
N GLY A 215 10.28 -5.12 -7.90
CA GLY A 215 11.09 -4.20 -8.74
C GLY A 215 11.39 -2.85 -8.06
N GLU A 216 11.23 -2.81 -6.77
CA GLU A 216 11.43 -1.55 -6.00
C GLU A 216 12.92 -1.42 -5.54
N VAL A 217 13.30 -2.41 -4.65
CA VAL A 217 14.69 -2.69 -4.17
C VAL A 217 15.41 -4.03 -4.72
N GLY A 218 14.72 -4.50 -5.80
CA GLY A 218 14.77 -5.88 -6.22
C GLY A 218 14.86 -5.82 -7.72
N SER A 219 15.56 -6.75 -8.29
CA SER A 219 15.85 -6.73 -9.75
C SER A 219 14.70 -7.22 -10.50
N ALA A 220 14.81 -7.04 -11.76
CA ALA A 220 13.80 -7.45 -12.71
C ALA A 220 13.33 -8.93 -12.73
N ASN A 221 14.24 -9.76 -12.25
CA ASN A 221 13.76 -11.11 -12.29
C ASN A 221 12.70 -11.30 -11.21
N VAL A 222 12.81 -10.44 -10.11
CA VAL A 222 11.67 -10.57 -9.20
C VAL A 222 10.38 -10.10 -9.80
N VAL A 223 10.47 -9.18 -10.82
CA VAL A 223 9.25 -8.72 -11.47
C VAL A 223 8.74 -9.69 -12.40
N LYS A 224 9.62 -10.33 -13.13
CA LYS A 224 9.16 -11.50 -13.93
C LYS A 224 8.58 -12.71 -13.11
N GLU A 225 9.18 -13.06 -11.97
CA GLU A 225 8.42 -14.09 -11.19
C GLU A 225 6.95 -13.78 -10.64
N ALA A 226 6.79 -12.49 -10.21
CA ALA A 226 5.43 -11.84 -9.88
C ALA A 226 4.43 -11.99 -11.05
N VAL A 227 4.92 -11.59 -12.25
CA VAL A 227 4.04 -11.79 -13.42
C VAL A 227 3.68 -13.30 -13.91
N ASP A 228 4.74 -14.07 -14.22
CA ASP A 228 4.69 -15.47 -14.83
C ASP A 228 4.36 -16.59 -13.85
N THR A 229 4.93 -16.52 -12.65
CA THR A 229 4.51 -17.53 -11.74
C THR A 229 3.36 -17.06 -10.80
N LEU A 230 3.49 -15.88 -10.11
CA LEU A 230 2.44 -15.50 -9.15
C LEU A 230 1.11 -15.06 -9.85
N LYS A 231 1.20 -14.85 -11.19
CA LYS A 231 0.11 -14.24 -12.04
C LYS A 231 -0.56 -12.82 -11.61
N THR A 232 0.30 -11.92 -11.07
CA THR A 232 -0.34 -10.59 -10.72
C THR A 232 -1.05 -9.75 -11.82
N GLU A 233 -2.06 -8.96 -11.49
CA GLU A 233 -2.57 -8.06 -12.57
C GLU A 233 -1.98 -6.67 -12.51
N ARG A 234 -1.33 -6.32 -11.37
CA ARG A 234 -0.64 -5.01 -11.26
C ARG A 234 0.66 -5.23 -10.40
N LEU A 235 1.63 -4.34 -10.62
CA LEU A 235 2.90 -4.29 -9.83
C LEU A 235 3.01 -3.15 -8.67
N GLY A 236 3.10 -3.53 -7.40
CA GLY A 236 3.84 -2.58 -6.54
C GLY A 236 5.25 -2.05 -6.78
N HIS A 237 5.23 -0.83 -7.24
CA HIS A 237 6.31 -0.11 -7.87
C HIS A 237 6.89 -0.49 -9.35
N GLY A 238 7.68 -1.69 -9.34
CA GLY A 238 8.20 -2.15 -10.60
C GLY A 238 9.19 -1.37 -11.37
N TYR A 239 9.99 -0.61 -10.60
CA TYR A 239 10.89 0.32 -11.31
C TYR A 239 12.00 -0.45 -12.11
N HIS A 240 12.43 -1.52 -11.39
CA HIS A 240 13.31 -2.43 -12.11
C HIS A 240 12.85 -3.06 -13.36
N THR A 241 11.57 -3.22 -13.61
CA THR A 241 11.25 -3.52 -15.02
C THR A 241 12.07 -2.80 -16.06
N LEU A 242 12.57 -1.59 -15.78
CA LEU A 242 13.32 -0.97 -16.92
C LEU A 242 14.75 -1.58 -17.24
N GLU A 243 15.31 -2.31 -16.23
CA GLU A 243 16.55 -3.07 -16.36
C GLU A 243 16.57 -4.27 -17.26
N ASP A 244 15.43 -4.46 -17.91
CA ASP A 244 15.11 -5.64 -18.63
C ASP A 244 14.10 -5.40 -19.73
N THR A 245 14.59 -4.90 -20.88
CA THR A 245 13.72 -4.28 -21.91
C THR A 245 12.64 -5.09 -22.58
N THR A 246 12.88 -6.39 -22.54
CA THR A 246 11.89 -7.27 -23.31
C THR A 246 10.58 -7.52 -22.40
N LEU A 247 10.88 -7.54 -21.04
CA LEU A 247 9.88 -7.62 -19.97
C LEU A 247 9.03 -6.33 -20.06
N TYR A 248 9.86 -5.24 -20.07
CA TYR A 248 9.20 -3.96 -20.51
C TYR A 248 8.25 -3.85 -21.71
N ASN A 249 8.82 -4.14 -22.85
CA ASN A 249 7.96 -4.07 -24.00
C ASN A 249 6.72 -4.86 -23.97
N ARG A 250 6.81 -5.93 -23.27
CA ARG A 250 5.67 -6.79 -23.03
C ARG A 250 4.66 -6.39 -21.95
N LEU A 251 5.11 -5.92 -20.76
CA LEU A 251 4.17 -5.24 -19.81
C LEU A 251 3.46 -4.01 -20.49
N ARG A 252 4.33 -3.16 -21.13
CA ARG A 252 3.85 -2.10 -22.00
C ARG A 252 2.89 -2.75 -23.03
N GLN A 253 3.27 -3.77 -23.75
CA GLN A 253 2.20 -4.24 -24.67
C GLN A 253 0.96 -4.76 -23.99
N GLU A 254 1.06 -5.38 -22.82
CA GLU A 254 0.02 -6.00 -22.01
C GLU A 254 -0.91 -5.05 -21.13
N ASN A 255 -0.50 -3.77 -21.17
CA ASN A 255 -1.16 -2.76 -20.37
C ASN A 255 -0.98 -2.93 -18.85
N MET A 256 0.19 -3.49 -18.52
CA MET A 256 0.36 -3.66 -17.07
C MET A 256 0.21 -2.29 -16.36
N HIS A 257 -0.33 -2.40 -15.15
CA HIS A 257 -0.37 -1.16 -14.34
C HIS A 257 0.71 -1.21 -13.27
N PHE A 258 1.42 -0.14 -13.21
CA PHE A 258 2.45 0.03 -12.17
C PHE A 258 2.05 1.05 -10.99
N GLU A 259 1.92 0.59 -9.80
CA GLU A 259 1.61 1.37 -8.57
C GLU A 259 2.90 2.14 -8.17
N ILE A 260 3.00 3.34 -8.78
CA ILE A 260 4.17 4.15 -8.32
C ILE A 260 4.13 4.93 -7.00
N CYS A 261 5.13 4.72 -6.12
CA CYS A 261 5.39 5.67 -5.10
C CYS A 261 6.55 6.72 -5.14
N PRO A 262 6.43 7.84 -5.93
CA PRO A 262 7.71 8.49 -6.28
C PRO A 262 8.50 9.04 -5.20
N TRP A 263 7.81 9.29 -4.17
CA TRP A 263 8.44 9.96 -3.04
C TRP A 263 8.92 9.04 -2.05
N SER A 264 8.20 8.00 -1.84
CA SER A 264 8.88 6.73 -1.48
C SER A 264 10.15 6.22 -2.18
N SER A 265 10.17 6.23 -3.50
CA SER A 265 11.40 5.85 -4.22
C SER A 265 12.75 6.50 -3.92
N TYR A 266 12.64 7.83 -3.49
CA TYR A 266 13.78 8.52 -2.83
C TYR A 266 14.08 7.92 -1.44
N LEU A 267 13.05 7.86 -0.57
CA LEU A 267 13.55 7.77 0.75
C LEU A 267 14.02 6.40 1.03
N THR A 268 13.52 5.53 0.16
CA THR A 268 13.89 4.10 0.36
C THR A 268 15.26 3.58 -0.20
N GLY A 269 15.85 4.49 -1.01
CA GLY A 269 16.77 3.99 -2.02
C GLY A 269 16.35 3.32 -3.37
N ALA A 270 15.05 3.26 -3.63
CA ALA A 270 14.68 2.63 -4.89
C ALA A 270 15.12 3.27 -6.23
N TRP A 271 15.05 4.61 -6.10
CA TRP A 271 15.51 5.50 -7.15
C TRP A 271 16.60 6.35 -6.62
N LYS A 272 17.68 6.35 -7.39
CA LYS A 272 18.85 7.23 -7.13
C LYS A 272 18.83 8.71 -7.60
N PRO A 273 18.93 9.51 -6.54
CA PRO A 273 19.33 10.89 -6.64
C PRO A 273 20.05 11.41 -7.88
N ASP A 274 21.05 10.60 -8.33
CA ASP A 274 21.73 11.00 -9.56
C ASP A 274 20.99 11.00 -10.86
N THR A 275 19.83 10.43 -10.83
CA THR A 275 19.58 9.82 -12.12
C THR A 275 18.14 9.83 -12.59
N GLU A 276 17.99 9.13 -13.71
CA GLU A 276 16.72 8.74 -14.28
C GLU A 276 15.65 8.59 -13.22
N HIS A 277 14.47 9.22 -13.43
CA HIS A 277 13.35 8.76 -12.59
C HIS A 277 12.51 7.84 -13.36
N ALA A 278 12.38 6.67 -12.75
CA ALA A 278 11.49 5.71 -13.33
C ALA A 278 10.15 6.30 -13.97
N VAL A 279 9.47 7.20 -13.11
CA VAL A 279 8.19 7.70 -13.66
C VAL A 279 8.14 8.74 -14.76
N ILE A 280 9.29 9.44 -14.81
CA ILE A 280 9.49 10.20 -16.09
C ILE A 280 9.60 9.39 -17.38
N ARG A 281 10.34 8.26 -17.25
CA ARG A 281 10.40 7.34 -18.36
C ARG A 281 9.11 6.70 -18.57
N PHE A 282 8.52 6.31 -17.44
CA PHE A 282 7.19 5.66 -17.70
C PHE A 282 6.13 6.59 -18.36
N LYS A 283 6.35 7.87 -17.93
CA LYS A 283 5.53 8.89 -18.62
C LYS A 283 6.05 9.27 -20.03
N ASN A 284 7.37 9.44 -20.26
CA ASN A 284 7.56 9.50 -21.75
C ASN A 284 7.03 8.31 -22.66
N ASP A 285 6.98 7.09 -22.00
CA ASP A 285 6.35 6.03 -22.80
C ASP A 285 4.84 5.73 -22.64
N GLN A 286 4.06 6.62 -22.05
CA GLN A 286 2.63 6.36 -22.04
C GLN A 286 2.18 5.06 -21.34
N VAL A 287 2.97 4.78 -20.28
CA VAL A 287 2.62 3.66 -19.43
C VAL A 287 1.29 3.72 -18.60
N ASN A 288 0.58 2.58 -18.47
CA ASN A 288 -0.37 2.39 -17.36
C ASN A 288 0.12 2.45 -15.88
N TYR A 289 0.32 3.75 -15.37
CA TYR A 289 0.70 3.86 -13.97
C TYR A 289 -0.17 4.84 -13.06
N SER A 290 0.16 4.87 -11.76
CA SER A 290 -0.68 5.63 -10.77
C SER A 290 0.29 6.19 -9.81
N LEU A 291 -0.16 7.19 -8.95
CA LEU A 291 0.70 7.89 -8.02
C LEU A 291 0.20 7.70 -6.65
N ASN A 292 1.16 7.51 -5.74
CA ASN A 292 0.73 6.80 -4.55
C ASN A 292 1.79 7.23 -3.51
N THR A 293 1.27 7.23 -2.26
CA THR A 293 1.88 7.64 -0.97
C THR A 293 2.69 6.61 -0.26
N ASP A 294 2.15 5.35 -0.24
CA ASP A 294 2.75 4.31 0.52
C ASP A 294 2.84 4.14 1.99
N ASP A 295 3.84 4.84 2.52
CA ASP A 295 3.89 4.81 4.02
C ASP A 295 3.93 6.25 4.61
N PRO A 296 2.74 6.96 4.52
CA PRO A 296 2.77 8.43 4.74
C PRO A 296 3.27 8.87 6.13
N LEU A 297 3.02 8.09 7.18
CA LEU A 297 3.66 8.36 8.47
C LEU A 297 5.20 8.66 8.34
N ILE A 298 5.73 7.56 7.79
CA ILE A 298 7.15 7.31 7.89
C ILE A 298 7.79 8.21 6.79
N PHE A 299 6.98 8.62 5.83
CA PHE A 299 7.61 9.53 4.83
C PHE A 299 7.39 11.06 4.89
N LYS A 300 6.72 11.38 6.00
CA LYS A 300 6.21 12.66 6.40
C LYS A 300 5.50 13.49 5.29
N SER A 301 4.39 12.84 4.85
CA SER A 301 3.83 13.20 3.53
C SER A 301 2.31 12.99 3.38
N THR A 302 1.81 13.54 2.27
CA THR A 302 0.39 13.47 1.81
C THR A 302 0.36 13.25 0.28
N LEU A 303 -0.73 12.80 -0.40
CA LEU A 303 -0.67 12.62 -1.87
C LEU A 303 -0.10 13.80 -2.60
N ASP A 304 -0.47 15.02 -1.99
CA ASP A 304 0.18 16.28 -2.47
C ASP A 304 1.73 16.34 -2.40
N THR A 305 2.37 15.73 -1.38
CA THR A 305 3.83 15.51 -1.53
C THR A 305 4.26 14.96 -2.89
N ASP A 306 3.68 13.78 -3.20
CA ASP A 306 3.86 13.12 -4.50
C ASP A 306 3.54 13.92 -5.77
N TYR A 307 2.36 14.54 -5.82
CA TYR A 307 2.20 15.34 -7.06
C TYR A 307 2.96 16.64 -7.21
N GLN A 308 3.32 17.09 -6.00
CA GLN A 308 4.18 18.28 -5.95
C GLN A 308 5.51 18.10 -6.68
N MET A 309 6.27 17.08 -6.09
CA MET A 309 7.41 16.38 -6.70
C MET A 309 7.37 16.13 -8.25
N THR A 310 6.40 15.30 -8.60
CA THR A 310 6.14 15.23 -10.03
C THR A 310 5.79 16.51 -10.85
N LYS A 311 4.87 17.44 -10.42
CA LYS A 311 4.79 18.84 -10.98
C LYS A 311 6.20 19.62 -11.00
N LYS A 312 6.81 19.59 -9.84
CA LYS A 312 7.93 20.42 -9.46
C LYS A 312 9.25 19.80 -9.49
N ASP A 313 9.39 18.80 -10.33
CA ASP A 313 10.70 18.44 -10.87
C ASP A 313 10.60 17.74 -12.19
N MET A 314 9.69 16.84 -12.24
CA MET A 314 9.84 16.00 -13.41
C MET A 314 8.96 16.48 -14.60
N GLY A 315 8.25 17.63 -14.38
CA GLY A 315 7.59 18.39 -15.48
C GLY A 315 6.16 18.08 -15.83
N PHE A 316 5.55 17.54 -14.81
CA PHE A 316 4.17 17.10 -15.05
C PHE A 316 3.12 18.16 -15.35
N THR A 317 2.71 18.19 -16.59
CA THR A 317 1.44 18.85 -16.83
C THR A 317 0.28 18.35 -16.06
N GLU A 318 -0.89 18.95 -16.23
CA GLU A 318 -1.94 18.34 -15.48
C GLU A 318 -2.89 17.43 -16.19
N GLU A 319 -2.68 17.35 -17.47
CA GLU A 319 -3.31 16.21 -18.13
C GLU A 319 -2.63 14.86 -17.88
N GLU A 320 -1.33 14.96 -17.52
CA GLU A 320 -0.72 13.78 -16.87
C GLU A 320 -1.45 13.24 -15.66
N PHE A 321 -1.31 14.00 -14.58
CA PHE A 321 -2.35 13.93 -13.54
C PHE A 321 -3.76 13.40 -13.93
N LYS A 322 -4.36 13.96 -14.98
CA LYS A 322 -5.66 13.35 -15.20
C LYS A 322 -5.65 11.94 -15.85
N ARG A 323 -4.55 11.71 -16.57
CA ARG A 323 -4.46 10.49 -17.41
C ARG A 323 -4.20 9.32 -16.51
N LEU A 324 -3.18 9.63 -15.73
CA LEU A 324 -2.87 8.67 -14.72
C LEU A 324 -3.86 8.36 -13.72
N ASN A 325 -4.73 9.34 -13.30
CA ASN A 325 -5.89 8.89 -12.42
C ASN A 325 -6.98 8.21 -13.07
N ILE A 326 -7.16 8.48 -14.40
CA ILE A 326 -8.03 7.57 -15.24
C ILE A 326 -7.53 6.05 -15.37
N ASN A 327 -6.18 5.88 -15.51
CA ASN A 327 -5.63 4.44 -15.76
C ASN A 327 -5.68 3.69 -14.52
N ALA A 328 -5.55 4.53 -13.41
CA ALA A 328 -5.90 4.02 -12.08
C ALA A 328 -7.18 3.52 -11.61
N ALA A 329 -8.21 4.17 -12.08
CA ALA A 329 -9.47 3.48 -11.73
C ALA A 329 -9.94 2.41 -12.75
N LYS A 330 -9.51 2.61 -13.98
CA LYS A 330 -9.35 1.50 -14.94
C LYS A 330 -8.62 0.24 -14.42
N SER A 331 -7.46 0.38 -13.71
CA SER A 331 -6.79 -0.77 -13.13
C SER A 331 -7.20 -1.25 -11.84
N SER A 332 -8.37 -0.75 -11.46
CA SER A 332 -8.72 -0.98 -10.05
C SER A 332 -9.30 -2.29 -9.82
N PHE A 333 -9.25 -2.70 -8.59
CA PHE A 333 -9.96 -3.95 -8.56
C PHE A 333 -11.48 -3.83 -8.16
N LEU A 334 -12.09 -2.70 -8.49
CA LEU A 334 -13.58 -2.75 -8.58
C LEU A 334 -14.22 -3.79 -9.59
N PRO A 335 -15.24 -4.55 -9.05
CA PRO A 335 -16.20 -5.26 -9.90
C PRO A 335 -16.89 -4.32 -10.86
N GLU A 336 -17.18 -4.95 -12.06
CA GLU A 336 -17.30 -4.16 -13.30
C GLU A 336 -18.31 -3.00 -13.42
N ASP A 337 -19.40 -3.16 -12.63
CA ASP A 337 -20.26 -1.93 -12.55
C ASP A 337 -19.63 -0.77 -11.81
N GLU A 338 -19.12 -1.16 -10.65
CA GLU A 338 -18.44 -0.19 -9.79
C GLU A 338 -17.46 0.67 -10.39
N LYS A 339 -16.79 0.10 -11.35
CA LYS A 339 -15.67 0.88 -11.94
C LYS A 339 -16.16 1.81 -12.98
N LYS A 340 -17.22 1.27 -13.66
CA LYS A 340 -17.65 2.19 -14.71
C LYS A 340 -18.20 3.49 -14.09
N GLU A 341 -18.94 3.18 -12.97
CA GLU A 341 -19.37 4.29 -12.12
C GLU A 341 -18.27 5.27 -11.69
N LEU A 342 -17.09 4.74 -11.13
CA LEU A 342 -15.89 5.59 -10.78
C LEU A 342 -15.31 6.39 -11.92
N LEU A 343 -15.17 5.74 -13.07
CA LEU A 343 -14.67 6.39 -14.24
C LEU A 343 -15.57 7.57 -14.69
N ASP A 344 -16.91 7.38 -14.77
CA ASP A 344 -17.91 8.49 -14.78
C ASP A 344 -17.58 9.82 -14.02
N LEU A 345 -17.59 9.63 -12.62
CA LEU A 345 -17.20 10.60 -11.60
C LEU A 345 -16.03 11.44 -12.01
N LEU A 346 -15.08 10.65 -12.53
CA LEU A 346 -13.83 11.30 -12.90
C LEU A 346 -13.85 12.00 -14.23
N TYR A 347 -14.46 11.41 -15.27
CA TYR A 347 -14.70 12.24 -16.50
C TYR A 347 -15.58 13.54 -16.24
N LYS A 348 -16.71 13.43 -15.59
CA LYS A 348 -17.42 14.62 -15.09
C LYS A 348 -16.61 15.76 -14.49
N ALA A 349 -15.71 15.37 -13.54
CA ALA A 349 -14.76 16.23 -12.83
C ALA A 349 -13.62 16.78 -13.51
N TYR A 350 -13.36 16.18 -14.64
CA TYR A 350 -12.06 16.51 -15.28
C TYR A 350 -12.11 17.42 -16.48
N ARG A 351 -13.34 17.69 -16.78
CA ARG A 351 -13.38 18.62 -17.88
C ARG A 351 -14.32 19.83 -17.54
#